data_1G1K
#
_entry.id   1G1K
#
_cell.length_a   56.5
_cell.length_b   57.25
_cell.length_c   105.72
_cell.angle_alpha   90.00
_cell.angle_beta   90.00
_cell.angle_gamma   90.00
#
_symmetry.space_group_name_H-M   'P 21 21 21'
#
loop_
_entity.id
_entity.type
_entity.pdbx_description
1 polymer 'SCAFFOLDING PROTEIN'
2 water water
#
_entity_poly.entity_id   1
_entity_poly.type   'polypeptide(L)'
_entity_poly.pdbx_seq_one_letter_code
;ASLKVTVGTANGKPGDTVTVPVTFADVAKMKNVGTCNFYLGYDASLLEVVSVDAGPIVKNAAVNFSSSASNGTISFLFLD
NTITDELITADGVFANIKFKLKSVTAKTTTPVTFKDGGAFGDGTMSKIASVTKTNGSVTIDPG
;
_entity_poly.pdbx_strand_id   A,B
#
# COMPACT_ATOMS: atom_id res chain seq x y z
N ALA A 1 -17.61 16.27 -0.47
CA ALA A 1 -17.76 14.81 -0.14
C ALA A 1 -16.43 14.17 0.04
N SER A 2 -16.36 13.36 1.02
CA SER A 2 -15.10 12.69 1.14
C SER A 2 -15.27 11.52 2.06
N LEU A 3 -14.45 10.55 1.81
CA LEU A 3 -14.41 9.36 2.61
C LEU A 3 -13.70 9.76 3.88
N LYS A 4 -14.26 9.37 5.00
CA LYS A 4 -13.65 9.68 6.30
C LYS A 4 -13.02 8.42 6.84
N VAL A 5 -11.72 8.43 7.08
CA VAL A 5 -11.06 7.27 7.68
C VAL A 5 -10.47 7.82 8.98
N THR A 6 -10.86 7.18 10.07
CA THR A 6 -10.48 7.63 11.39
C THR A 6 -9.90 6.54 12.26
N VAL A 7 -8.81 6.87 12.96
CA VAL A 7 -8.21 5.94 13.91
C VAL A 7 -8.83 6.30 15.24
N GLY A 8 -9.25 5.29 15.99
CA GLY A 8 -9.87 5.57 17.28
C GLY A 8 -8.91 5.82 18.42
N THR A 9 -9.45 5.80 19.63
CA THR A 9 -8.59 5.97 20.81
C THR A 9 -8.86 4.86 21.81
N ALA A 10 -7.89 4.64 22.66
CA ALA A 10 -7.95 3.62 23.71
C ALA A 10 -7.17 4.18 24.90
N ASN A 11 -7.40 3.70 26.02
CA ASN A 11 -6.76 4.17 27.25
C ASN A 11 -6.49 2.91 28.05
N GLY A 12 -5.42 2.75 28.70
CA GLY A 12 -5.14 1.50 29.45
C GLY A 12 -3.90 1.71 30.32
N LYS A 13 -3.58 0.69 31.07
CA LYS A 13 -2.40 0.70 31.95
C LYS A 13 -1.32 -0.14 31.33
N PRO A 14 -0.02 0.11 31.59
CA PRO A 14 0.97 -0.72 30.99
C PRO A 14 0.67 -2.18 31.32
N GLY A 15 0.84 -3.02 30.31
CA GLY A 15 0.59 -4.47 30.44
C GLY A 15 -0.78 -4.84 29.87
N ASP A 16 -1.74 -3.91 29.76
CA ASP A 16 -3.08 -4.15 29.23
C ASP A 16 -3.04 -4.26 27.70
N THR A 17 -4.03 -4.92 27.13
CA THR A 17 -4.13 -5.00 25.69
C THR A 17 -5.41 -4.19 25.39
N VAL A 18 -5.32 -3.30 24.43
CA VAL A 18 -6.47 -2.48 24.08
C VAL A 18 -6.72 -2.62 22.61
N THR A 19 -7.92 -2.25 22.20
CA THR A 19 -8.29 -2.32 20.81
C THR A 19 -8.47 -0.92 20.29
N VAL A 20 -7.90 -0.65 19.13
CA VAL A 20 -8.02 0.62 18.48
C VAL A 20 -8.63 0.38 17.14
N PRO A 21 -9.89 0.80 16.96
CA PRO A 21 -10.56 0.60 15.68
C PRO A 21 -10.23 1.67 14.67
N VAL A 22 -10.28 1.28 13.40
CA VAL A 22 -10.07 2.18 12.30
C VAL A 22 -11.40 2.11 11.57
N THR A 23 -12.05 3.25 11.45
CA THR A 23 -13.38 3.31 10.85
C THR A 23 -13.45 4.09 9.56
N PHE A 24 -14.43 3.69 8.74
CA PHE A 24 -14.71 4.35 7.49
C PHE A 24 -16.08 5.03 7.66
N ALA A 25 -16.25 6.21 7.08
CA ALA A 25 -17.54 6.92 7.14
C ALA A 25 -17.78 7.51 5.77
N ASP A 26 -19.05 7.70 5.43
CA ASP A 26 -19.43 8.24 4.13
C ASP A 26 -19.03 7.37 2.95
N VAL A 27 -18.99 6.06 3.16
CA VAL A 27 -18.62 5.11 2.10
C VAL A 27 -19.59 5.17 0.92
N ALA A 28 -20.89 5.03 1.18
CA ALA A 28 -21.88 5.08 0.12
C ALA A 28 -21.78 6.39 -0.67
N LYS A 29 -21.63 7.50 0.05
CA LYS A 29 -21.51 8.80 -0.60
C LYS A 29 -20.37 8.80 -1.60
N MET A 30 -19.35 7.99 -1.33
CA MET A 30 -18.16 8.02 -2.19
C MET A 30 -18.15 6.84 -3.19
N LYS A 31 -19.29 6.18 -3.42
CA LYS A 31 -19.45 5.11 -4.48
C LYS A 31 -18.64 3.83 -4.16
N ASN A 32 -18.51 3.70 -3.03
CA ASN A 32 -17.94 2.67 -2.37
C ASN A 32 -16.37 2.52 -2.56
N VAL A 33 -15.96 1.62 -1.78
CA VAL A 33 -14.58 1.24 -1.67
C VAL A 33 -14.34 -0.21 -2.16
N GLY A 34 -13.55 -0.26 -3.28
CA GLY A 34 -13.13 -1.52 -3.98
C GLY A 34 -11.65 -1.83 -3.69
N THR A 35 -10.83 -0.83 -3.38
CA THR A 35 -9.41 -1.06 -3.01
C THR A 35 -8.89 0.08 -2.15
N CYS A 36 -7.99 -0.29 -1.28
CA CYS A 36 -7.36 0.75 -0.49
C CYS A 36 -6.10 0.19 0.14
N ASN A 37 -5.21 1.12 0.47
CA ASN A 37 -3.97 0.76 1.09
C ASN A 37 -3.48 2.02 1.76
N PHE A 38 -3.14 1.88 3.03
CA PHE A 38 -2.62 2.99 3.80
C PHE A 38 -1.80 2.43 4.93
N TYR A 39 -1.10 3.31 5.65
CA TYR A 39 -0.26 2.89 6.75
C TYR A 39 -0.44 3.80 7.94
N LEU A 40 -0.35 3.20 9.11
CA LEU A 40 -0.42 3.91 10.35
C LEU A 40 0.90 3.73 11.10
N GLY A 41 1.35 4.79 11.75
CA GLY A 41 2.57 4.69 12.52
C GLY A 41 2.19 4.67 13.99
N TYR A 42 2.98 3.97 14.77
CA TYR A 42 2.77 3.92 16.19
C TYR A 42 4.16 3.88 16.81
N ASP A 43 4.22 4.30 18.07
CA ASP A 43 5.49 4.36 18.79
C ASP A 43 5.81 2.97 19.36
N ALA A 44 6.74 2.27 18.72
CA ALA A 44 7.12 0.94 19.15
C ALA A 44 7.76 0.85 20.52
N SER A 45 8.17 1.98 21.07
CA SER A 45 8.76 1.92 22.41
C SER A 45 7.65 2.00 23.45
N LEU A 46 6.46 2.37 23.02
CA LEU A 46 5.30 2.49 23.91
C LEU A 46 4.24 1.40 23.68
N LEU A 47 4.10 1.00 22.42
CA LEU A 47 3.09 0.03 22.04
C LEU A 47 3.65 -1.15 21.28
N GLU A 48 3.02 -2.30 21.47
CA GLU A 48 3.36 -3.55 20.79
C GLU A 48 2.09 -4.00 20.06
N VAL A 49 2.17 -4.25 18.75
CA VAL A 49 1.00 -4.72 18.03
C VAL A 49 0.81 -6.21 18.27
N VAL A 50 -0.31 -6.57 18.88
CA VAL A 50 -0.62 -7.97 19.16
C VAL A 50 -1.30 -8.60 17.94
N SER A 51 -2.12 -7.83 17.24
CA SER A 51 -2.77 -8.34 16.03
C SER A 51 -3.57 -7.25 15.34
N VAL A 52 -3.91 -7.50 14.08
CA VAL A 52 -4.71 -6.58 13.28
C VAL A 52 -5.72 -7.47 12.58
N ASP A 53 -7.00 -7.15 12.69
CA ASP A 53 -8.01 -7.97 12.05
C ASP A 53 -9.02 -7.14 11.29
N ALA A 54 -9.50 -7.67 10.16
CA ALA A 54 -10.45 -6.92 9.37
C ALA A 54 -11.71 -6.73 10.21
N GLY A 55 -12.38 -5.61 9.99
CA GLY A 55 -13.60 -5.35 10.73
C GLY A 55 -14.84 -5.82 9.97
N PRO A 56 -16.02 -5.63 10.54
CA PRO A 56 -17.31 -6.04 9.96
C PRO A 56 -17.60 -5.56 8.57
N ILE A 57 -17.13 -4.37 8.19
CA ILE A 57 -17.47 -3.90 6.86
C ILE A 57 -16.67 -4.53 5.73
N VAL A 58 -15.73 -5.39 6.10
CA VAL A 58 -14.90 -6.08 5.10
C VAL A 58 -15.48 -7.48 4.92
N LYS A 59 -15.99 -7.75 3.73
CA LYS A 59 -16.57 -9.07 3.42
C LYS A 59 -15.50 -9.98 2.82
N ASN A 60 -15.50 -11.22 3.28
CA ASN A 60 -14.55 -12.21 2.80
C ASN A 60 -13.12 -11.69 2.98
N ALA A 61 -12.79 -11.39 4.22
CA ALA A 61 -11.49 -10.82 4.56
C ALA A 61 -10.33 -11.75 4.17
N ALA A 62 -10.46 -13.06 4.37
CA ALA A 62 -9.41 -14.01 4.03
C ALA A 62 -8.89 -13.83 2.62
N VAL A 63 -9.75 -13.38 1.72
CA VAL A 63 -9.34 -13.17 0.35
C VAL A 63 -9.07 -11.72 -0.03
N ASN A 64 -9.83 -10.80 0.53
CA ASN A 64 -9.70 -9.39 0.14
C ASN A 64 -8.85 -8.45 0.99
N PHE A 65 -8.48 -8.90 2.17
CA PHE A 65 -7.77 -8.07 3.14
C PHE A 65 -6.44 -8.63 3.55
N SER A 66 -5.50 -7.72 3.81
CA SER A 66 -4.19 -8.13 4.26
C SER A 66 -3.63 -7.03 5.13
N SER A 67 -3.07 -7.43 6.26
CA SER A 67 -2.49 -6.46 7.15
C SER A 67 -1.21 -7.01 7.73
N SER A 68 -0.18 -6.17 7.83
CA SER A 68 1.05 -6.59 8.49
C SER A 68 1.55 -5.43 9.34
N ALA A 69 2.01 -5.75 10.55
CA ALA A 69 2.55 -4.76 11.48
C ALA A 69 3.99 -5.11 11.77
N SER A 70 4.86 -4.17 11.39
CA SER A 70 6.26 -4.29 11.63
C SER A 70 6.82 -3.02 12.12
N ASN A 71 7.22 -3.08 13.40
CA ASN A 71 7.87 -2.07 14.08
C ASN A 71 7.52 -0.65 13.97
N GLY A 72 6.29 -0.17 14.46
CA GLY A 72 6.23 1.20 14.21
C GLY A 72 5.39 1.49 13.01
N THR A 73 5.16 0.48 12.19
CA THR A 73 4.31 0.68 11.02
C THR A 73 3.33 -0.47 10.79
N ILE A 74 2.09 -0.11 10.47
CA ILE A 74 1.06 -1.10 10.18
C ILE A 74 0.57 -0.79 8.79
N SER A 75 0.55 -1.82 7.94
CA SER A 75 0.08 -1.67 6.58
C SER A 75 -1.30 -2.29 6.49
N PHE A 76 -2.21 -1.63 5.76
CA PHE A 76 -3.58 -2.12 5.56
C PHE A 76 -3.84 -2.20 4.08
N LEU A 77 -4.27 -3.37 3.61
CA LEU A 77 -4.53 -3.53 2.19
C LEU A 77 -5.90 -4.22 2.02
N PHE A 78 -6.69 -3.72 1.08
CA PHE A 78 -7.99 -4.29 0.77
C PHE A 78 -8.08 -4.25 -0.74
N LEU A 79 -8.39 -5.39 -1.38
CA LEU A 79 -8.50 -5.37 -2.82
C LEU A 79 -9.59 -6.31 -3.33
N ASP A 80 -10.60 -5.74 -3.99
CA ASP A 80 -11.72 -6.50 -4.57
C ASP A 80 -12.07 -5.79 -5.85
N ASN A 81 -11.49 -6.24 -6.95
CA ASN A 81 -11.72 -5.63 -8.24
C ASN A 81 -12.92 -6.22 -8.97
N THR A 82 -13.33 -7.44 -8.62
CA THR A 82 -14.36 -8.07 -9.40
C THR A 82 -15.66 -8.58 -8.78
N ILE A 83 -15.73 -8.72 -7.46
CA ILE A 83 -16.97 -9.22 -6.89
C ILE A 83 -17.76 -8.11 -6.23
N THR A 84 -18.78 -7.66 -6.93
CA THR A 84 -19.61 -6.57 -6.43
C THR A 84 -20.13 -6.75 -5.03
N ASP A 85 -20.56 -7.97 -4.68
CA ASP A 85 -21.09 -8.19 -3.35
C ASP A 85 -20.04 -8.24 -2.23
N GLU A 86 -18.76 -8.08 -2.56
CA GLU A 86 -17.73 -8.09 -1.52
C GLU A 86 -17.09 -6.72 -1.34
N LEU A 87 -17.62 -5.73 -2.05
CA LEU A 87 -17.14 -4.36 -1.99
C LEU A 87 -17.48 -3.79 -0.60
N ILE A 88 -16.71 -2.81 -0.13
CA ILE A 88 -17.02 -2.20 1.16
C ILE A 88 -18.15 -1.22 0.81
N THR A 89 -19.31 -1.36 1.45
CA THR A 89 -20.46 -0.50 1.13
C THR A 89 -21.10 0.18 2.32
N ALA A 90 -20.74 -0.22 3.52
CA ALA A 90 -21.32 0.38 4.72
C ALA A 90 -20.26 1.10 5.53
N ASP A 91 -20.71 2.01 6.38
CA ASP A 91 -19.84 2.76 7.26
C ASP A 91 -19.63 1.84 8.45
N GLY A 92 -18.47 1.93 9.07
CA GLY A 92 -18.22 1.07 10.20
C GLY A 92 -16.73 0.81 10.39
N VAL A 93 -16.42 -0.20 11.18
CA VAL A 93 -15.05 -0.58 11.48
C VAL A 93 -14.41 -1.38 10.34
N PHE A 94 -13.34 -0.80 9.76
CA PHE A 94 -12.59 -1.42 8.66
C PHE A 94 -11.60 -2.41 9.25
N ALA A 95 -11.00 -2.06 10.38
CA ALA A 95 -10.04 -2.96 11.00
C ALA A 95 -9.90 -2.65 12.48
N ASN A 96 -9.52 -3.67 13.24
CA ASN A 96 -9.31 -3.54 14.65
C ASN A 96 -7.85 -3.89 14.93
N ILE A 97 -7.15 -2.98 15.59
CA ILE A 97 -5.75 -3.18 15.98
C ILE A 97 -5.71 -3.47 17.45
N LYS A 98 -5.05 -4.54 17.85
CA LYS A 98 -4.90 -4.80 19.27
C LYS A 98 -3.44 -4.45 19.61
N PHE A 99 -3.26 -3.60 20.63
CA PHE A 99 -1.93 -3.17 21.07
C PHE A 99 -1.74 -3.62 22.51
N LYS A 100 -0.51 -3.95 22.86
CA LYS A 100 -0.21 -4.27 24.26
C LYS A 100 0.59 -3.05 24.72
N LEU A 101 0.21 -2.46 25.85
CA LEU A 101 0.85 -1.26 26.35
C LEU A 101 2.13 -1.53 27.16
N LYS A 102 3.19 -0.76 26.88
CA LYS A 102 4.44 -0.91 27.62
C LYS A 102 4.50 0.07 28.80
N SER A 103 5.51 -0.09 29.65
CA SER A 103 5.60 0.79 30.81
C SER A 103 5.92 2.23 30.44
N VAL A 104 5.54 3.14 31.34
CA VAL A 104 5.79 4.55 31.17
C VAL A 104 6.09 5.13 32.54
N THR A 105 6.89 6.19 32.60
CA THR A 105 7.17 6.80 33.89
C THR A 105 5.96 7.66 34.31
N ALA A 106 5.32 8.32 33.36
CA ALA A 106 4.17 9.16 33.67
C ALA A 106 3.10 9.00 32.60
N LYS A 107 1.88 9.41 32.93
CA LYS A 107 0.76 9.30 31.99
C LYS A 107 1.15 9.81 30.63
N THR A 108 0.91 8.99 29.61
CA THR A 108 1.32 9.33 28.25
C THR A 108 0.27 9.05 27.18
N THR A 109 0.01 10.03 26.32
CA THR A 109 -0.95 9.80 25.24
C THR A 109 -0.13 9.77 23.95
N THR A 110 -0.03 8.58 23.35
CA THR A 110 0.75 8.48 22.13
C THR A 110 -0.15 8.30 20.91
N PRO A 111 0.15 9.04 19.83
CA PRO A 111 -0.61 9.02 18.60
C PRO A 111 -0.40 7.81 17.69
N VAL A 112 -1.48 7.41 17.02
CA VAL A 112 -1.45 6.31 16.05
C VAL A 112 -1.86 7.12 14.87
N THR A 113 -0.92 7.32 13.96
CA THR A 113 -1.12 8.22 12.84
C THR A 113 -0.96 7.70 11.42
N PHE A 114 -1.60 8.40 10.49
CA PHE A 114 -1.51 8.07 9.09
C PHE A 114 -0.15 8.52 8.60
N LYS A 115 0.54 7.63 7.87
CA LYS A 115 1.87 7.88 7.33
C LYS A 115 1.97 7.45 5.89
N ASP A 116 3.04 7.88 5.22
CA ASP A 116 3.34 7.49 3.84
C ASP A 116 2.19 7.47 2.84
N GLY A 117 1.20 8.33 3.04
CA GLY A 117 0.06 8.38 2.14
C GLY A 117 -0.64 7.03 1.96
N GLY A 118 -1.13 6.80 0.75
CA GLY A 118 -1.85 5.58 0.46
C GLY A 118 -2.65 5.70 -0.81
N ALA A 119 -3.68 4.86 -0.95
CA ALA A 119 -4.48 4.90 -2.15
C ALA A 119 -5.87 4.39 -1.81
N PHE A 120 -6.88 4.98 -2.44
CA PHE A 120 -8.25 4.59 -2.18
C PHE A 120 -9.01 4.63 -3.47
N GLY A 121 -9.64 3.52 -3.83
CA GLY A 121 -10.40 3.44 -5.06
C GLY A 121 -11.83 3.00 -4.79
N ASP A 122 -12.78 3.52 -5.55
CA ASP A 122 -14.19 3.17 -5.37
C ASP A 122 -14.55 1.88 -6.10
N GLY A 123 -15.80 1.44 -5.94
CA GLY A 123 -16.24 0.22 -6.59
C GLY A 123 -16.09 0.24 -8.10
N THR A 124 -16.12 1.44 -8.68
CA THR A 124 -16.01 1.58 -10.13
C THR A 124 -14.57 1.64 -10.61
N MET A 125 -13.62 1.32 -9.73
CA MET A 125 -12.20 1.33 -10.10
C MET A 125 -11.68 2.75 -10.29
N SER A 126 -12.36 3.74 -9.74
CA SER A 126 -11.94 5.13 -9.87
C SER A 126 -11.38 5.67 -8.57
N LYS A 127 -10.42 6.59 -8.68
CA LYS A 127 -9.80 7.19 -7.50
C LYS A 127 -10.83 7.89 -6.65
N ILE A 128 -10.79 7.67 -5.34
CA ILE A 128 -11.71 8.36 -4.48
C ILE A 128 -11.12 9.78 -4.34
N ALA A 129 -11.84 10.75 -4.86
CA ALA A 129 -11.41 12.15 -4.87
C ALA A 129 -10.81 12.67 -3.57
N SER A 130 -11.61 12.66 -2.51
CA SER A 130 -11.13 13.18 -1.25
C SER A 130 -11.25 12.21 -0.08
N VAL A 131 -10.20 12.16 0.73
CA VAL A 131 -10.18 11.30 1.91
C VAL A 131 -9.72 12.13 3.09
N THR A 132 -10.57 12.19 4.10
CA THR A 132 -10.31 12.92 5.32
C THR A 132 -9.76 11.94 6.32
N LYS A 133 -8.48 12.12 6.67
CA LYS A 133 -7.82 11.24 7.60
C LYS A 133 -7.73 11.85 8.99
N THR A 134 -8.05 11.06 10.01
CA THR A 134 -8.01 11.52 11.37
C THR A 134 -7.26 10.54 12.22
N ASN A 135 -6.19 11.02 12.86
CA ASN A 135 -5.36 10.21 13.74
C ASN A 135 -6.04 9.89 15.05
N GLY A 136 -5.57 8.81 15.69
CA GLY A 136 -6.10 8.39 16.96
C GLY A 136 -4.95 8.36 17.94
N SER A 137 -5.14 7.67 19.05
CA SER A 137 -4.09 7.59 20.06
C SER A 137 -4.42 6.57 21.10
N VAL A 138 -3.44 6.32 21.95
CA VAL A 138 -3.58 5.40 23.05
C VAL A 138 -3.01 6.11 24.27
N THR A 139 -3.76 6.13 25.35
CA THR A 139 -3.30 6.75 26.57
C THR A 139 -2.87 5.66 27.50
N ILE A 140 -1.64 5.76 28.00
CA ILE A 140 -1.10 4.77 28.90
C ILE A 140 -1.02 5.46 30.23
N ASP A 141 -1.77 4.96 31.21
CA ASP A 141 -1.77 5.60 32.51
C ASP A 141 -1.07 4.76 33.57
N PRO A 142 0.11 5.22 34.03
CA PRO A 142 0.96 4.57 35.02
C PRO A 142 0.21 3.90 36.15
N GLY A 143 0.58 2.63 36.37
CA GLY A 143 -0.02 1.82 37.41
C GLY A 143 0.90 0.63 37.66
N ALA B 1 20.29 -12.11 0.90
CA ALA B 1 19.10 -13.04 0.91
C ALA B 1 17.98 -12.04 0.98
N SER B 2 17.42 -11.73 -0.20
CA SER B 2 16.43 -10.74 -0.15
C SER B 2 15.80 -10.69 -1.48
N LEU B 3 14.58 -10.20 -1.47
CA LEU B 3 13.81 -10.05 -2.66
C LEU B 3 14.36 -8.78 -3.31
N LYS B 4 14.58 -8.82 -4.62
CA LYS B 4 15.09 -7.66 -5.34
C LYS B 4 13.96 -7.04 -6.14
N VAL B 5 13.68 -5.77 -5.90
CA VAL B 5 12.66 -5.05 -6.67
C VAL B 5 13.41 -3.88 -7.29
N THR B 6 13.43 -3.86 -8.60
CA THR B 6 14.18 -2.86 -9.32
C THR B 6 13.37 -2.13 -10.39
N VAL B 7 13.43 -0.81 -10.36
CA VAL B 7 12.75 -0.02 -11.38
C VAL B 7 13.77 0.10 -12.50
N GLY B 8 13.30 -0.05 -13.74
CA GLY B 8 14.17 0.02 -14.88
C GLY B 8 14.53 1.43 -15.36
N THR B 9 15.03 1.50 -16.58
CA THR B 9 15.42 2.76 -17.17
C THR B 9 14.93 2.84 -18.60
N ALA B 10 14.69 4.05 -19.07
CA ALA B 10 14.26 4.25 -20.43
C ALA B 10 14.89 5.54 -20.92
N ASN B 11 14.94 5.74 -22.23
CA ASN B 11 15.46 6.99 -22.73
C ASN B 11 14.63 7.34 -23.94
N GLY B 12 14.45 8.64 -24.16
CA GLY B 12 13.66 9.09 -25.30
C GLY B 12 13.65 10.62 -25.43
N LYS B 13 12.86 11.13 -26.38
CA LYS B 13 12.73 12.56 -26.66
C LYS B 13 11.32 13.07 -26.28
N PRO B 14 11.20 14.40 -26.04
CA PRO B 14 9.89 14.94 -25.66
C PRO B 14 8.92 14.47 -26.68
N GLY B 15 7.79 14.05 -26.14
CA GLY B 15 6.70 13.54 -26.93
C GLY B 15 6.68 12.04 -27.06
N ASP B 16 7.80 11.37 -26.81
CA ASP B 16 7.85 9.91 -26.93
C ASP B 16 7.19 9.22 -25.76
N THR B 17 6.81 7.97 -25.97
CA THR B 17 6.22 7.17 -24.89
C THR B 17 7.23 6.05 -24.68
N VAL B 18 7.63 5.85 -23.43
CA VAL B 18 8.59 4.82 -23.13
C VAL B 18 8.01 3.92 -22.08
N THR B 19 8.58 2.72 -21.95
CA THR B 19 8.10 1.79 -20.95
C THR B 19 9.19 1.54 -19.95
N VAL B 20 8.84 1.63 -18.67
CA VAL B 20 9.78 1.39 -17.61
C VAL B 20 9.28 0.20 -16.83
N PRO B 21 10.06 -0.89 -16.85
CA PRO B 21 9.60 -2.06 -16.10
C PRO B 21 9.96 -1.98 -14.65
N VAL B 22 9.21 -2.73 -13.83
CA VAL B 22 9.49 -2.86 -12.43
C VAL B 22 9.70 -4.36 -12.34
N THR B 23 10.90 -4.78 -11.95
CA THR B 23 11.23 -6.19 -11.92
C THR B 23 11.52 -6.78 -10.57
N PHE B 24 11.17 -8.04 -10.40
CA PHE B 24 11.40 -8.79 -9.17
C PHE B 24 12.48 -9.83 -9.44
N ALA B 25 13.34 -10.07 -8.46
CA ALA B 25 14.39 -11.09 -8.60
C ALA B 25 14.53 -11.82 -7.29
N ASP B 26 14.95 -13.08 -7.34
CA ASP B 26 15.10 -13.91 -6.14
C ASP B 26 13.74 -14.22 -5.47
N VAL B 27 12.69 -14.30 -6.28
CA VAL B 27 11.33 -14.61 -5.77
C VAL B 27 11.26 -15.97 -5.06
N ALA B 28 11.70 -17.01 -5.76
CA ALA B 28 11.67 -18.37 -5.20
C ALA B 28 12.52 -18.47 -3.92
N LYS B 29 13.65 -17.76 -3.91
CA LYS B 29 14.49 -17.82 -2.73
C LYS B 29 13.75 -17.25 -1.53
N MET B 30 12.88 -16.28 -1.78
CA MET B 30 12.13 -15.64 -0.73
C MET B 30 10.80 -16.28 -0.38
N LYS B 31 10.43 -17.43 -0.93
CA LYS B 31 9.24 -18.26 -0.61
C LYS B 31 7.87 -17.69 -1.26
N ASN B 32 8.04 -16.96 -2.29
CA ASN B 32 7.30 -16.17 -3.32
C ASN B 32 6.38 -15.04 -2.69
N VAL B 33 5.73 -14.42 -3.39
CA VAL B 33 4.99 -13.25 -2.99
C VAL B 33 3.55 -13.46 -3.19
N GLY B 34 2.94 -13.38 -2.05
CA GLY B 34 1.53 -13.51 -1.95
C GLY B 34 0.88 -12.12 -1.90
N THR B 35 1.63 -11.15 -1.43
CA THR B 35 1.09 -9.79 -1.30
C THR B 35 2.19 -8.75 -1.32
N CYS B 36 1.89 -7.62 -1.92
CA CYS B 36 2.84 -6.52 -1.88
C CYS B 36 2.17 -5.22 -2.23
N ASN B 37 2.82 -4.19 -1.78
CA ASN B 37 2.26 -2.86 -1.98
C ASN B 37 3.44 -1.90 -1.75
N PHE B 38 3.63 -0.97 -2.72
CA PHE B 38 4.67 -0.01 -2.64
C PHE B 38 4.33 1.09 -3.60
N TYR B 39 5.07 2.20 -3.49
CA TYR B 39 4.81 3.35 -4.34
C TYR B 39 6.09 3.86 -4.96
N LEU B 40 5.94 4.42 -6.15
CA LEU B 40 7.07 5.00 -6.85
C LEU B 40 6.70 6.45 -7.11
N GLY B 41 7.69 7.31 -7.03
CA GLY B 41 7.45 8.70 -7.33
C GLY B 41 8.09 9.01 -8.64
N TYR B 42 7.50 9.93 -9.38
CA TYR B 42 8.09 10.37 -10.63
C TYR B 42 7.82 11.85 -10.69
N ASP B 43 8.63 12.56 -11.46
CA ASP B 43 8.49 14.00 -11.60
C ASP B 43 7.40 14.33 -12.62
N ALA B 44 6.26 14.79 -12.11
CA ALA B 44 5.12 15.12 -12.95
C ALA B 44 5.40 16.23 -13.95
N SER B 45 6.41 17.05 -13.67
CA SER B 45 6.75 18.15 -14.57
C SER B 45 7.51 17.64 -15.79
N LEU B 46 8.08 16.44 -15.69
CA LEU B 46 8.83 15.86 -16.81
C LEU B 46 8.15 14.66 -17.44
N LEU B 47 7.42 13.90 -16.64
CA LEU B 47 6.78 12.68 -17.12
C LEU B 47 5.28 12.62 -16.85
N GLU B 48 4.58 11.96 -17.77
CA GLU B 48 3.16 11.76 -17.69
C GLU B 48 2.89 10.26 -17.68
N VAL B 49 2.15 9.74 -16.68
CA VAL B 49 1.89 8.33 -16.94
C VAL B 49 0.73 7.94 -17.74
N VAL B 50 1.07 7.18 -18.75
CA VAL B 50 0.08 6.80 -19.78
C VAL B 50 -0.70 5.58 -19.32
N SER B 51 -0.01 4.66 -18.66
CA SER B 51 -0.64 3.46 -18.13
C SER B 51 0.35 2.64 -17.33
N VAL B 52 -0.21 1.77 -16.50
CA VAL B 52 0.57 0.86 -15.68
C VAL B 52 -0.14 -0.48 -15.86
N ASP B 53 0.61 -1.51 -16.23
CA ASP B 53 0.02 -2.83 -16.46
C ASP B 53 0.78 -3.88 -15.72
N ALA B 54 0.06 -4.90 -15.28
CA ALA B 54 0.70 -6.00 -14.57
C ALA B 54 1.63 -6.68 -15.57
N GLY B 55 2.76 -7.17 -15.08
CA GLY B 55 3.68 -7.85 -15.97
C GLY B 55 3.46 -9.37 -15.98
N PRO B 56 4.23 -10.11 -16.78
CA PRO B 56 4.17 -11.58 -16.94
C PRO B 56 4.15 -12.44 -15.69
N ILE B 57 4.89 -12.04 -14.65
CA ILE B 57 4.91 -12.87 -13.45
C ILE B 57 3.63 -12.77 -12.61
N VAL B 58 2.75 -11.84 -12.95
CA VAL B 58 1.50 -11.66 -12.21
C VAL B 58 0.39 -12.46 -12.89
N LYS B 59 -0.11 -13.46 -12.18
CA LYS B 59 -1.18 -14.32 -12.73
C LYS B 59 -2.55 -13.82 -12.28
N ASN B 60 -3.50 -13.87 -13.21
CA ASN B 60 -4.86 -13.42 -12.95
C ASN B 60 -4.86 -11.98 -12.42
N ALA B 61 -4.18 -11.11 -13.15
CA ALA B 61 -4.03 -9.69 -12.77
C ALA B 61 -5.36 -9.00 -12.48
N ALA B 62 -6.38 -9.22 -13.30
CA ALA B 62 -7.69 -8.59 -13.13
C ALA B 62 -8.23 -8.76 -11.72
N VAL B 63 -7.85 -9.84 -11.05
CA VAL B 63 -8.34 -10.08 -9.70
C VAL B 63 -7.32 -9.80 -8.60
N ASN B 64 -6.06 -10.07 -8.86
CA ASN B 64 -5.03 -9.91 -7.84
C ASN B 64 -4.20 -8.62 -7.88
N PHE B 65 -4.35 -7.84 -8.92
CA PHE B 65 -3.53 -6.65 -9.11
C PHE B 65 -4.31 -5.37 -9.22
N SER B 66 -3.73 -4.31 -8.67
CA SER B 66 -4.33 -2.99 -8.76
C SER B 66 -3.21 -1.94 -8.82
N SER B 67 -3.33 -1.00 -9.74
CA SER B 67 -2.34 0.04 -9.91
C SER B 67 -2.99 1.37 -10.27
N SER B 68 -2.64 2.42 -9.54
CA SER B 68 -3.18 3.71 -9.89
C SER B 68 -2.07 4.75 -9.87
N ALA B 69 -2.10 5.63 -10.85
CA ALA B 69 -1.11 6.67 -10.97
C ALA B 69 -1.71 8.09 -10.83
N SER B 70 -1.48 8.76 -9.69
CA SER B 70 -1.79 10.21 -9.65
C SER B 70 -0.73 11.07 -9.09
N ASN B 71 -0.55 12.10 -9.89
CA ASN B 71 0.28 13.17 -9.48
C ASN B 71 1.65 12.95 -8.93
N GLY B 72 2.48 12.23 -9.69
CA GLY B 72 3.82 12.01 -9.21
C GLY B 72 3.93 10.73 -8.43
N THR B 73 2.84 10.20 -7.90
CA THR B 73 2.98 8.93 -7.23
C THR B 73 2.12 7.86 -7.95
N ILE B 74 2.71 6.66 -8.01
CA ILE B 74 2.15 5.43 -8.60
C ILE B 74 2.04 4.39 -7.49
N SER B 75 0.86 3.82 -7.32
CA SER B 75 0.66 2.82 -6.30
C SER B 75 0.58 1.44 -6.94
N PHE B 76 1.19 0.45 -6.31
CA PHE B 76 1.14 -0.90 -6.82
C PHE B 76 0.61 -1.79 -5.72
N LEU B 77 -0.40 -2.58 -6.05
CA LEU B 77 -0.97 -3.49 -5.07
C LEU B 77 -1.13 -4.89 -5.68
N PHE B 78 -0.69 -5.91 -4.96
CA PHE B 78 -0.89 -7.27 -5.42
C PHE B 78 -1.40 -8.01 -4.21
N LEU B 79 -2.52 -8.73 -4.32
CA LEU B 79 -3.01 -9.45 -3.17
C LEU B 79 -3.62 -10.80 -3.54
N ASP B 80 -2.99 -11.88 -3.09
CA ASP B 80 -3.46 -13.23 -3.35
C ASP B 80 -3.13 -14.03 -2.13
N ASN B 81 -4.09 -14.10 -1.22
CA ASN B 81 -3.90 -14.83 0.02
C ASN B 81 -4.31 -16.30 -0.10
N THR B 82 -5.15 -16.65 -1.07
CA THR B 82 -5.67 -18.01 -1.05
C THR B 82 -5.51 -18.96 -2.22
N ILE B 83 -5.15 -18.45 -3.38
CA ILE B 83 -5.01 -19.34 -4.55
C ILE B 83 -3.50 -19.56 -4.79
N THR B 84 -3.00 -20.70 -4.34
CA THR B 84 -1.58 -20.98 -4.50
C THR B 84 -1.04 -20.94 -5.92
N ASP B 85 -1.81 -21.35 -6.92
CA ASP B 85 -1.26 -21.29 -8.26
C ASP B 85 -1.26 -19.88 -8.87
N GLU B 86 -1.69 -18.87 -8.11
CA GLU B 86 -1.69 -17.52 -8.67
C GLU B 86 -0.64 -16.66 -7.96
N LEU B 87 0.07 -17.30 -7.05
CA LEU B 87 1.14 -16.64 -6.32
C LEU B 87 2.20 -16.23 -7.36
N ILE B 88 3.04 -15.25 -7.01
CA ILE B 88 4.09 -14.83 -7.92
C ILE B 88 5.24 -15.78 -7.55
N THR B 89 5.68 -16.60 -8.51
CA THR B 89 6.71 -17.57 -8.22
C THR B 89 7.97 -17.48 -9.08
N ALA B 90 7.91 -16.67 -10.12
CA ALA B 90 9.04 -16.51 -11.03
C ALA B 90 9.64 -15.11 -10.95
N ASP B 91 10.89 -14.98 -11.38
CA ASP B 91 11.59 -13.70 -11.43
C ASP B 91 11.15 -13.10 -12.73
N GLY B 92 11.00 -11.79 -12.78
CA GLY B 92 10.59 -11.17 -14.02
C GLY B 92 9.91 -9.83 -13.87
N VAL B 93 9.25 -9.36 -14.92
CA VAL B 93 8.59 -8.08 -14.87
C VAL B 93 7.28 -8.14 -14.07
N PHE B 94 7.22 -7.38 -12.98
CA PHE B 94 6.02 -7.33 -12.12
C PHE B 94 5.01 -6.34 -12.71
N ALA B 95 5.49 -5.23 -13.26
CA ALA B 95 4.62 -4.24 -13.88
C ALA B 95 5.41 -3.43 -14.90
N ASN B 96 4.69 -2.93 -15.90
CA ASN B 96 5.26 -2.10 -16.94
C ASN B 96 4.55 -0.76 -16.85
N ILE B 97 5.34 0.30 -16.72
CA ILE B 97 4.82 1.66 -16.65
C ILE B 97 5.10 2.36 -17.96
N LYS B 98 4.09 2.92 -18.58
CA LYS B 98 4.30 3.67 -19.81
C LYS B 98 4.26 5.15 -19.46
N PHE B 99 5.32 5.88 -19.81
CA PHE B 99 5.41 7.33 -19.54
C PHE B 99 5.49 8.10 -20.85
N LYS B 100 4.87 9.28 -20.89
CA LYS B 100 5.01 10.08 -22.09
C LYS B 100 5.99 11.16 -21.59
N LEU B 101 7.01 11.46 -22.39
CA LEU B 101 8.01 12.44 -22.00
C LEU B 101 7.66 13.88 -22.36
N LYS B 102 7.77 14.79 -21.38
CA LYS B 102 7.50 16.21 -21.60
C LYS B 102 8.77 16.93 -22.10
N SER B 103 8.61 18.17 -22.55
CA SER B 103 9.75 18.93 -23.06
C SER B 103 10.75 19.35 -21.99
N VAL B 104 12.00 19.56 -22.40
CA VAL B 104 13.04 19.99 -21.47
C VAL B 104 13.97 20.95 -22.22
N THR B 105 14.63 21.83 -21.49
CA THR B 105 15.55 22.76 -22.12
C THR B 105 16.80 22.01 -22.53
N ALA B 106 17.29 21.17 -21.63
CA ALA B 106 18.50 20.40 -21.88
C ALA B 106 18.34 18.97 -21.42
N LYS B 107 19.18 18.06 -21.92
CA LYS B 107 19.12 16.65 -21.57
C LYS B 107 18.91 16.49 -20.08
N THR B 108 17.96 15.65 -19.70
CA THR B 108 17.66 15.46 -18.30
C THR B 108 17.42 13.98 -17.93
N THR B 109 18.02 13.53 -16.84
CA THR B 109 17.77 12.18 -16.38
C THR B 109 16.98 12.31 -15.09
N THR B 110 15.71 11.93 -15.14
CA THR B 110 14.85 12.07 -13.97
C THR B 110 14.58 10.69 -13.34
N PRO B 111 14.74 10.57 -12.02
CA PRO B 111 14.55 9.32 -11.30
C PRO B 111 13.09 8.93 -11.01
N VAL B 112 12.82 7.62 -11.05
CA VAL B 112 11.51 7.05 -10.74
C VAL B 112 11.95 6.26 -9.53
N THR B 113 11.41 6.65 -8.39
CA THR B 113 11.88 6.13 -7.13
C THR B 113 10.87 5.55 -6.15
N PHE B 114 11.36 4.72 -5.25
CA PHE B 114 10.54 4.11 -4.23
C PHE B 114 10.30 5.14 -3.15
N LYS B 115 9.04 5.33 -2.80
CA LYS B 115 8.71 6.27 -1.72
C LYS B 115 7.72 5.65 -0.80
N ASP B 116 7.57 6.37 0.30
CA ASP B 116 6.63 6.04 1.32
C ASP B 116 6.80 4.69 1.88
N GLY B 117 5.67 4.07 2.15
CA GLY B 117 5.74 2.79 2.74
C GLY B 117 5.49 1.68 1.78
N GLY B 118 5.77 0.50 2.27
CA GLY B 118 5.56 -0.67 1.47
C GLY B 118 5.43 -1.86 2.37
N ALA B 119 4.97 -2.94 1.75
CA ALA B 119 4.81 -4.19 2.43
C ALA B 119 5.00 -5.30 1.40
N PHE B 120 5.64 -6.37 1.83
CA PHE B 120 5.91 -7.50 0.96
C PHE B 120 5.70 -8.75 1.79
N GLY B 121 4.84 -9.65 1.31
CA GLY B 121 4.57 -10.87 2.04
C GLY B 121 4.75 -12.08 1.14
N ASP B 122 5.22 -13.19 1.70
CA ASP B 122 5.43 -14.40 0.91
C ASP B 122 4.17 -15.25 0.79
N GLY B 123 4.27 -16.38 0.05
CA GLY B 123 3.13 -17.28 -0.16
C GLY B 123 2.52 -17.82 1.12
N THR B 124 3.35 -17.91 2.19
CA THR B 124 2.84 -18.40 3.48
C THR B 124 2.33 -17.18 4.26
N MET B 125 2.00 -16.04 3.61
CA MET B 125 1.53 -14.91 4.48
C MET B 125 2.50 -14.42 5.54
N SER B 126 3.80 -14.58 5.34
CA SER B 126 4.79 -14.10 6.30
C SER B 126 5.56 -12.91 5.69
N LYS B 127 6.02 -12.00 6.53
CA LYS B 127 6.77 -10.83 6.06
C LYS B 127 8.04 -11.24 5.32
N ILE B 128 8.26 -10.69 4.14
CA ILE B 128 9.50 -11.00 3.42
C ILE B 128 10.59 -10.19 4.16
N ALA B 129 11.43 -10.91 4.92
CA ALA B 129 12.51 -10.33 5.72
C ALA B 129 13.20 -9.11 5.13
N SER B 130 13.88 -9.29 4.01
CA SER B 130 14.58 -8.17 3.41
C SER B 130 14.22 -7.93 1.96
N VAL B 131 14.13 -6.67 1.60
CA VAL B 131 13.80 -6.29 0.24
C VAL B 131 14.80 -5.23 -0.23
N THR B 132 15.52 -5.54 -1.28
CA THR B 132 16.51 -4.63 -1.86
C THR B 132 15.83 -3.83 -2.95
N LYS B 133 15.68 -2.53 -2.72
CA LYS B 133 15.00 -1.69 -3.69
C LYS B 133 15.99 -0.87 -4.49
N THR B 134 15.77 -0.76 -5.79
CA THR B 134 16.67 -0.03 -6.65
C THR B 134 15.88 0.86 -7.56
N ASN B 135 16.15 2.17 -7.48
CA ASN B 135 15.44 3.14 -8.30
C ASN B 135 15.91 3.10 -9.72
N GLY B 136 15.07 3.58 -10.62
CA GLY B 136 15.37 3.64 -12.03
C GLY B 136 15.24 5.10 -12.47
N SER B 137 15.12 5.32 -13.76
CA SER B 137 15.01 6.69 -14.26
C SER B 137 14.69 6.70 -15.73
N VAL B 138 14.39 7.89 -16.22
CA VAL B 138 14.12 8.08 -17.63
C VAL B 138 14.94 9.29 -18.07
N THR B 139 15.68 9.18 -19.17
CA THR B 139 16.40 10.38 -19.59
C THR B 139 15.71 10.86 -20.86
N ILE B 140 15.46 12.16 -20.80
CA ILE B 140 14.78 12.86 -21.85
C ILE B 140 15.86 13.65 -22.55
N ASP B 141 16.05 13.37 -23.84
CA ASP B 141 17.10 14.03 -24.61
C ASP B 141 16.43 14.97 -25.61
N PRO B 142 16.50 16.29 -25.35
CA PRO B 142 15.91 17.33 -26.19
C PRO B 142 16.10 17.19 -27.69
N GLY B 143 14.99 17.40 -28.38
CA GLY B 143 14.94 17.31 -29.82
C GLY B 143 13.64 17.94 -30.30
#